data_5ECX
#
_entry.id   5ECX
#
_cell.length_a   76.070
_cell.length_b   76.070
_cell.length_c   113.929
_cell.angle_alpha   90.00
_cell.angle_beta   90.00
_cell.angle_gamma   120.00
#
_symmetry.space_group_name_H-M   'P 31 2 1'
#
loop_
_entity.id
_entity.type
_entity.pdbx_description
1 polymer 'Dehydrofolate reductase type I'
2 non-polymer 'NADP NICOTINAMIDE-ADENINE-DINUCLEOTIDE PHOSPHATE'
3 non-polymer 6-ethyl-5-[(3~{S})-3-(6-pyridin-4-yl-1,3-benzodioxol-4-yl)but-1-ynyl]pyrimidine-2,4-diamine
4 non-polymer GLYCEROL
5 non-polymer 'GLYOXYLIC ACID'
6 water water
#
_entity_poly.entity_id   1
_entity_poly.type   'polypeptide(L)'
_entity_poly.pdbx_seq_one_letter_code
;MKLSLMVAISKNGVIGNGPDIPWSAKGEQLLFKAITYNQWLLVGRKTFESMGALPNRKYAVVTRSSFTSDNENVLIFPSI
KDALTNLKKITDHVIVSGGGEIYKSLIDQVDTLHISTIDIEPEGDVYFPEIPSNFRPVFTQDFASNINYSYQIWQKG
;
_entity_poly.pdbx_strand_id   A,B
#
# COMPACT_ATOMS: atom_id res chain seq x y z
N MET A 1 -2.39 10.04 -19.42
CA MET A 1 -1.44 9.54 -18.44
C MET A 1 -1.83 10.06 -17.05
N LYS A 2 -1.92 9.14 -16.08
CA LYS A 2 -2.27 9.52 -14.71
C LYS A 2 -1.00 9.94 -13.97
N LEU A 3 -1.16 10.94 -13.10
CA LEU A 3 -0.10 11.44 -12.24
C LEU A 3 -0.44 11.19 -10.79
N SER A 4 0.39 10.41 -10.10
CA SER A 4 0.27 10.27 -8.66
C SER A 4 1.39 11.03 -7.97
N LEU A 5 1.31 11.13 -6.66
CA LEU A 5 2.32 11.80 -5.85
C LEU A 5 2.42 11.04 -4.54
N MET A 6 3.63 10.76 -4.11
CA MET A 6 3.82 10.07 -2.85
C MET A 6 4.86 10.81 -2.02
N VAL A 7 4.55 11.05 -0.75
CA VAL A 7 5.38 11.83 0.16
C VAL A 7 5.14 11.39 1.62
N ALA A 8 6.15 11.49 2.47
CA ALA A 8 5.93 11.32 3.90
C ALA A 8 6.14 12.68 4.57
N ILE A 9 5.11 13.17 5.24
CA ILE A 9 5.14 14.51 5.83
C ILE A 9 5.12 14.45 7.35
N SER A 10 6.11 15.05 8.00
CA SER A 10 6.16 15.10 9.45
C SER A 10 5.07 16.03 9.97
N LYS A 11 4.83 16.01 11.28
CA LYS A 11 3.70 16.71 11.86
C LYS A 11 3.78 18.22 11.71
N ASN A 12 4.99 18.77 11.59
CA ASN A 12 5.13 20.22 11.47
C ASN A 12 5.32 20.66 10.01
N GLY A 13 5.20 19.72 9.08
CA GLY A 13 5.26 20.03 7.67
C GLY A 13 6.61 19.80 7.01
N VAL A 14 7.62 19.50 7.81
CA VAL A 14 8.95 19.22 7.29
C VAL A 14 8.97 17.89 6.53
N ILE A 15 9.54 17.90 5.33
CA ILE A 15 9.75 16.65 4.59
C ILE A 15 11.24 16.36 4.38
N GLY A 16 12.10 17.33 4.69
CA GLY A 16 13.53 17.16 4.50
C GLY A 16 14.42 18.09 5.30
N ASN A 17 15.66 17.66 5.50
CA ASN A 17 16.67 18.43 6.22
C ASN A 17 17.95 18.32 5.42
N GLY A 18 18.28 19.36 4.68
CA GLY A 18 19.38 19.26 3.72
C GLY A 18 19.00 18.18 2.73
N PRO A 19 19.90 17.21 2.52
CA PRO A 19 19.64 16.14 1.54
C PRO A 19 18.93 14.92 2.14
N ASP A 20 18.63 14.95 3.43
CA ASP A 20 18.07 13.78 4.09
C ASP A 20 16.62 13.93 4.51
N ILE A 21 15.98 12.79 4.75
CA ILE A 21 14.69 12.78 5.42
C ILE A 21 14.96 12.56 6.90
N PRO A 22 14.63 13.56 7.74
CA PRO A 22 15.04 13.61 9.14
C PRO A 22 14.22 12.73 10.09
N TRP A 23 13.98 11.48 9.71
CA TRP A 23 13.34 10.50 10.58
C TRP A 23 13.46 9.12 9.98
N SER A 24 13.19 8.13 10.82
CA SER A 24 13.11 6.75 10.39
C SER A 24 11.96 6.09 11.14
N ALA A 25 10.77 6.10 10.53
CA ALA A 25 9.60 5.42 11.05
C ALA A 25 9.51 4.02 10.46
N LYS A 26 9.86 3.02 11.26
CA LYS A 26 9.94 1.64 10.81
C LYS A 26 8.63 1.17 10.20
N GLY A 27 8.69 0.60 9.00
CA GLY A 27 7.48 0.16 8.31
C GLY A 27 6.92 1.12 7.27
N GLU A 28 7.11 2.43 7.44
CA GLU A 28 6.52 3.38 6.48
C GLU A 28 7.15 3.17 5.10
N GLN A 29 8.43 2.83 5.06
CA GLN A 29 9.11 2.54 3.80
C GLN A 29 8.42 1.45 2.99
N LEU A 30 7.73 0.54 3.69
CA LEU A 30 7.00 -0.54 3.00
C LEU A 30 5.92 -0.01 2.07
N LEU A 31 5.26 1.07 2.48
CA LEU A 31 4.24 1.68 1.64
C LEU A 31 4.86 2.24 0.37
N PHE A 32 5.96 2.95 0.54
CA PHE A 32 6.68 3.51 -0.61
C PHE A 32 7.10 2.40 -1.58
N LYS A 33 7.71 1.34 -1.05
N LYS A 33 7.72 1.36 -1.03
CA LYS A 33 8.15 0.23 -1.91
CA LYS A 33 8.12 0.17 -1.79
C LYS A 33 6.99 -0.47 -2.61
C LYS A 33 6.97 -0.41 -2.59
N ALA A 34 5.88 -0.67 -1.90
CA ALA A 34 4.73 -1.38 -2.48
C ALA A 34 4.06 -0.56 -3.56
N ILE A 35 3.86 0.75 -3.31
CA ILE A 35 3.14 1.57 -4.27
C ILE A 35 4.00 1.87 -5.50
N THR A 36 5.31 1.94 -5.32
CA THR A 36 6.17 2.31 -6.44
C THR A 36 6.72 1.10 -7.22
N TYR A 37 6.38 -0.13 -6.81
CA TYR A 37 6.94 -1.31 -7.49
C TYR A 37 6.66 -1.31 -9.00
N ASN A 38 7.72 -1.43 -9.81
CA ASN A 38 7.62 -1.41 -11.28
C ASN A 38 6.84 -0.22 -11.84
N GLN A 39 6.91 0.92 -11.14
CA GLN A 39 6.36 2.17 -11.62
C GLN A 39 7.43 3.14 -12.10
N TRP A 40 6.98 4.15 -12.85
CA TRP A 40 7.78 5.30 -13.25
C TRP A 40 7.70 6.40 -12.19
N LEU A 41 8.85 6.79 -11.64
CA LEU A 41 8.90 7.89 -10.69
C LEU A 41 9.54 9.13 -11.33
N LEU A 42 8.93 10.28 -11.08
CA LEU A 42 9.54 11.55 -11.47
C LEU A 42 10.13 12.19 -10.23
N VAL A 43 11.45 12.38 -10.22
CA VAL A 43 12.15 12.95 -9.07
C VAL A 43 13.07 14.07 -9.52
N GLY A 44 13.31 15.05 -8.64
CA GLY A 44 14.25 16.10 -8.97
C GLY A 44 15.65 15.53 -8.81
N ARG A 45 16.65 16.20 -9.35
CA ARG A 45 18.00 15.66 -9.33
C ARG A 45 18.57 15.49 -7.92
N LYS A 46 18.22 16.40 -7.01
CA LYS A 46 18.82 16.33 -5.68
C LYS A 46 18.37 15.06 -4.95
N THR A 47 17.07 14.79 -5.03
CA THR A 47 16.52 13.61 -4.36
C THR A 47 17.05 12.33 -5.03
N PHE A 48 17.20 12.34 -6.36
CA PHE A 48 17.73 11.16 -7.04
C PHE A 48 19.15 10.83 -6.64
N GLU A 49 20.00 11.85 -6.60
CA GLU A 49 21.40 11.68 -6.22
C GLU A 49 21.48 11.19 -4.77
N SER A 50 20.54 11.62 -3.96
CA SER A 50 20.51 11.28 -2.54
C SER A 50 19.91 9.90 -2.22
N MET A 51 19.00 9.42 -3.06
CA MET A 51 18.37 8.13 -2.87
C MET A 51 19.00 7.02 -3.72
N GLY A 52 19.50 7.39 -4.89
CA GLY A 52 19.97 6.43 -5.88
C GLY A 52 18.83 5.72 -6.60
N ALA A 53 19.19 4.89 -7.59
CA ALA A 53 18.18 4.17 -8.34
C ALA A 53 17.89 2.80 -7.73
N LEU A 54 16.88 2.74 -6.87
CA LEU A 54 16.46 1.48 -6.27
C LEU A 54 15.94 0.52 -7.36
N PRO A 55 16.18 -0.78 -7.19
CA PRO A 55 15.76 -1.72 -8.22
C PRO A 55 14.23 -1.81 -8.35
N ASN A 56 13.77 -2.35 -9.48
CA ASN A 56 12.35 -2.57 -9.72
C ASN A 56 11.55 -1.28 -9.85
N ARG A 57 12.23 -0.17 -10.13
CA ARG A 57 11.56 1.10 -10.44
C ARG A 57 12.22 1.76 -11.64
N LYS A 58 11.45 2.59 -12.35
CA LYS A 58 12.00 3.42 -13.41
C LYS A 58 12.03 4.87 -12.92
N TYR A 59 13.03 5.64 -13.34
CA TYR A 59 13.16 7.01 -12.87
C TYR A 59 13.23 8.03 -14.01
N ALA A 60 12.40 9.06 -13.94
CA ALA A 60 12.57 10.22 -14.81
C ALA A 60 13.10 11.35 -13.95
N VAL A 61 14.35 11.72 -14.17
CA VAL A 61 15.01 12.72 -13.33
C VAL A 61 15.15 14.05 -14.07
N VAL A 62 14.74 15.15 -13.44
CA VAL A 62 14.86 16.44 -14.11
C VAL A 62 16.06 17.22 -13.57
N THR A 63 16.75 17.89 -14.48
CA THR A 63 17.96 18.63 -14.14
C THR A 63 18.17 19.72 -15.18
N ARG A 64 18.69 20.86 -14.75
CA ARG A 64 19.01 21.95 -15.70
C ARG A 64 20.50 21.97 -16.00
N SER A 65 21.25 21.15 -15.29
CA SER A 65 22.67 20.97 -15.59
C SER A 65 22.78 19.85 -16.61
N SER A 66 23.95 19.24 -16.69
CA SER A 66 24.16 18.15 -17.62
C SER A 66 24.36 16.87 -16.83
N PHE A 67 23.64 16.75 -15.71
CA PHE A 67 23.68 15.53 -14.92
C PHE A 67 23.31 14.34 -15.80
N THR A 68 24.11 13.27 -15.69
CA THR A 68 23.85 12.05 -16.44
C THR A 68 23.73 10.83 -15.53
N SER A 69 23.33 9.71 -16.13
CA SER A 69 23.30 8.42 -15.45
C SER A 69 23.40 7.29 -16.46
N ASP A 70 24.24 6.31 -16.17
CA ASP A 70 24.37 5.16 -17.06
C ASP A 70 23.48 4.00 -16.64
N ASN A 71 22.60 4.24 -15.67
CA ASN A 71 21.68 3.19 -15.23
C ASN A 71 20.58 3.00 -16.28
N GLU A 72 20.31 1.74 -16.61
CA GLU A 72 19.38 1.46 -17.70
C GLU A 72 17.93 1.81 -17.35
N ASN A 73 17.64 1.97 -16.06
CA ASN A 73 16.27 2.31 -15.66
C ASN A 73 16.06 3.80 -15.37
N VAL A 74 17.00 4.61 -15.82
CA VAL A 74 17.00 6.04 -15.54
C VAL A 74 17.02 6.92 -16.79
N LEU A 75 15.97 7.72 -16.96
CA LEU A 75 15.94 8.72 -18.01
C LEU A 75 16.16 10.11 -17.40
N ILE A 76 16.88 10.96 -18.12
CA ILE A 76 17.13 12.32 -17.68
C ILE A 76 16.51 13.34 -18.66
N PHE A 77 15.77 14.30 -18.10
CA PHE A 77 15.10 15.34 -18.86
C PHE A 77 15.55 16.75 -18.44
N PRO A 78 15.65 17.68 -19.41
CA PRO A 78 16.12 19.05 -19.14
C PRO A 78 15.04 19.91 -18.47
N SER A 79 13.82 19.41 -18.40
CA SER A 79 12.74 20.18 -17.80
C SER A 79 11.61 19.27 -17.33
N ILE A 80 10.80 19.74 -16.39
CA ILE A 80 9.61 18.98 -15.99
C ILE A 80 8.67 18.87 -17.17
N LYS A 81 8.53 19.96 -17.93
CA LYS A 81 7.63 19.95 -19.09
C LYS A 81 8.00 18.87 -20.10
N ASP A 82 9.30 18.71 -20.37
CA ASP A 82 9.76 17.72 -21.32
C ASP A 82 9.66 16.29 -20.77
N ALA A 83 9.89 16.14 -19.47
CA ALA A 83 9.67 14.84 -18.83
C ALA A 83 8.24 14.36 -19.08
N LEU A 84 7.27 15.24 -18.80
CA LEU A 84 5.86 14.91 -18.96
C LEU A 84 5.49 14.62 -20.40
N THR A 85 6.02 15.43 -21.32
CA THR A 85 5.81 15.26 -22.76
C THR A 85 6.26 13.88 -23.22
N ASN A 86 7.43 13.47 -22.76
CA ASN A 86 7.96 12.17 -23.13
C ASN A 86 7.32 11.00 -22.37
N LEU A 87 7.14 11.17 -21.06
CA LEU A 87 6.57 10.10 -20.23
C LEU A 87 5.20 9.61 -20.75
N LYS A 88 4.34 10.53 -21.17
CA LYS A 88 3.01 10.17 -21.64
C LYS A 88 3.06 9.36 -22.93
N LYS A 89 4.22 9.30 -23.58
CA LYS A 89 4.38 8.50 -24.80
C LYS A 89 4.99 7.13 -24.48
N ILE A 90 5.50 6.94 -23.27
CA ILE A 90 6.11 5.65 -22.96
C ILE A 90 5.52 4.92 -21.74
N THR A 91 4.62 5.58 -21.02
CA THR A 91 3.89 4.97 -19.89
C THR A 91 2.54 5.65 -19.66
N ASP A 92 1.65 4.99 -18.93
CA ASP A 92 0.33 5.55 -18.62
C ASP A 92 0.22 6.01 -17.15
N HIS A 93 1.30 5.87 -16.40
CA HIS A 93 1.26 6.29 -15.00
C HIS A 93 2.65 6.68 -14.51
N VAL A 94 2.72 7.83 -13.84
CA VAL A 94 3.96 8.33 -13.26
C VAL A 94 3.69 8.76 -11.82
N ILE A 95 4.58 8.40 -10.92
CA ILE A 95 4.43 8.81 -9.51
C ILE A 95 5.43 9.89 -9.15
N VAL A 96 4.92 11.08 -8.87
CA VAL A 96 5.77 12.20 -8.46
C VAL A 96 6.30 11.89 -7.07
N SER A 97 7.62 11.81 -6.93
CA SER A 97 8.24 11.33 -5.70
C SER A 97 9.26 12.30 -5.07
N GLY A 98 9.17 13.60 -5.38
CA GLY A 98 9.98 14.61 -4.70
C GLY A 98 11.19 15.08 -5.48
N GLY A 99 11.99 15.98 -4.89
CA GLY A 99 11.72 16.50 -3.56
C GLY A 99 10.84 17.74 -3.52
N GLY A 100 11.21 18.68 -2.66
CA GLY A 100 10.42 19.86 -2.44
C GLY A 100 10.10 20.68 -3.68
N GLU A 101 11.12 21.00 -4.49
CA GLU A 101 10.87 21.79 -5.70
C GLU A 101 9.93 21.08 -6.67
N ILE A 102 10.15 19.78 -6.82
CA ILE A 102 9.33 18.96 -7.70
C ILE A 102 7.87 18.87 -7.21
N TYR A 103 7.65 18.67 -5.91
CA TYR A 103 6.28 18.72 -5.38
C TYR A 103 5.61 20.09 -5.58
N LYS A 104 6.34 21.18 -5.34
CA LYS A 104 5.77 22.52 -5.55
C LYS A 104 5.31 22.70 -7.00
N SER A 105 6.16 22.29 -7.93
N SER A 105 6.16 22.29 -7.94
CA SER A 105 5.87 22.42 -9.36
CA SER A 105 5.86 22.42 -9.36
C SER A 105 4.71 21.55 -9.84
C SER A 105 4.68 21.56 -9.82
N LEU A 106 4.53 20.38 -9.24
CA LEU A 106 3.59 19.40 -9.78
C LEU A 106 2.30 19.15 -9.02
N ILE A 107 2.19 19.65 -7.79
CA ILE A 107 1.06 19.32 -6.94
C ILE A 107 -0.30 19.58 -7.64
N ASP A 108 -0.39 20.69 -8.36
N ASP A 108 -0.37 20.69 -8.37
CA ASP A 108 -1.65 21.08 -9.02
CA ASP A 108 -1.61 21.10 -9.04
C ASP A 108 -1.95 20.30 -10.30
C ASP A 108 -2.02 20.15 -10.16
N GLN A 109 -1.06 19.40 -10.69
CA GLN A 109 -1.29 18.59 -11.87
C GLN A 109 -1.54 17.12 -11.57
N VAL A 110 -1.42 16.73 -10.30
CA VAL A 110 -1.56 15.31 -9.98
C VAL A 110 -3.00 14.89 -9.74
N ASP A 111 -3.27 13.60 -9.93
CA ASP A 111 -4.62 13.08 -9.75
C ASP A 111 -4.82 12.43 -8.36
N THR A 112 -3.78 11.80 -7.83
CA THR A 112 -3.89 11.04 -6.59
C THR A 112 -2.71 11.33 -5.66
N LEU A 113 -3.01 11.63 -4.39
CA LEU A 113 -1.99 11.84 -3.38
C LEU A 113 -1.90 10.65 -2.43
N HIS A 114 -0.67 10.20 -2.18
CA HIS A 114 -0.32 9.24 -1.15
C HIS A 114 0.47 9.94 -0.06
N ILE A 115 -0.16 10.19 1.08
CA ILE A 115 0.50 10.95 2.12
C ILE A 115 0.57 10.17 3.43
N SER A 116 1.79 9.96 3.89
CA SER A 116 2.01 9.39 5.20
C SER A 116 2.38 10.51 6.16
N THR A 117 1.53 10.74 7.14
CA THR A 117 1.79 11.73 8.17
C THR A 117 2.59 11.07 9.28
N ILE A 118 3.81 11.57 9.52
CA ILE A 118 4.74 10.97 10.48
C ILE A 118 4.68 11.70 11.82
N ASP A 119 4.50 10.96 12.91
CA ASP A 119 4.26 11.57 14.22
C ASP A 119 5.56 12.04 14.85
N ILE A 120 6.14 13.08 14.25
CA ILE A 120 7.40 13.64 14.73
C ILE A 120 7.45 15.11 14.32
N GLU A 121 8.19 15.91 15.07
CA GLU A 121 8.37 17.33 14.77
C GLU A 121 9.84 17.64 14.68
N PRO A 122 10.48 17.30 13.55
CA PRO A 122 11.93 17.38 13.43
C PRO A 122 12.39 18.74 12.94
N GLU A 123 13.70 18.93 12.96
CA GLU A 123 14.35 20.08 12.34
C GLU A 123 14.52 19.77 10.86
N GLY A 124 14.35 20.78 10.02
CA GLY A 124 14.52 20.60 8.58
C GLY A 124 14.24 21.90 7.85
N ASP A 125 14.61 21.98 6.57
CA ASP A 125 14.36 23.21 5.81
C ASP A 125 13.54 23.00 4.53
N VAL A 126 13.02 21.80 4.30
CA VAL A 126 12.22 21.53 3.11
C VAL A 126 10.78 21.22 3.49
N TYR A 127 9.83 21.89 2.82
CA TYR A 127 8.42 21.73 3.18
C TYR A 127 7.60 21.23 1.99
N PHE A 128 6.39 20.74 2.29
CA PHE A 128 5.45 20.28 1.28
C PHE A 128 4.52 21.41 0.92
N PRO A 129 4.02 21.45 -0.33
CA PRO A 129 3.05 22.49 -0.65
C PRO A 129 1.77 22.35 0.15
N GLU A 130 1.03 23.43 0.28
CA GLU A 130 -0.31 23.31 0.80
C GLU A 130 -1.16 22.50 -0.20
N ILE A 131 -2.04 21.66 0.32
CA ILE A 131 -2.82 20.77 -0.55
C ILE A 131 -3.98 21.53 -1.17
N PRO A 132 -4.08 21.51 -2.51
CA PRO A 132 -5.20 22.17 -3.21
C PRO A 132 -6.57 21.72 -2.67
N SER A 133 -7.56 22.62 -2.77
CA SER A 133 -8.87 22.39 -2.16
C SER A 133 -9.72 21.31 -2.83
N ASN A 134 -9.38 20.94 -4.06
CA ASN A 134 -10.19 19.92 -4.76
C ASN A 134 -9.81 18.46 -4.42
N PHE A 135 -8.72 18.26 -3.69
CA PHE A 135 -8.38 16.92 -3.18
C PHE A 135 -9.22 16.61 -1.95
N ARG A 136 -9.66 15.36 -1.82
CA ARG A 136 -10.32 14.90 -0.62
C ARG A 136 -9.78 13.50 -0.29
N PRO A 137 -9.57 13.22 1.00
CA PRO A 137 -9.09 11.89 1.39
C PRO A 137 -10.16 10.83 1.16
N VAL A 138 -9.79 9.64 0.67
CA VAL A 138 -10.77 8.57 0.46
C VAL A 138 -10.41 7.28 1.22
N PHE A 139 -9.22 7.26 1.79
CA PHE A 139 -8.76 6.12 2.59
C PHE A 139 -7.74 6.57 3.63
N THR A 140 -7.86 6.03 4.84
CA THR A 140 -6.94 6.35 5.93
C THR A 140 -6.58 5.09 6.72
N GLN A 141 -5.31 4.90 7.10
CA GLN A 141 -5.01 3.83 8.07
C GLN A 141 -3.88 4.22 9.00
N ASP A 142 -4.06 3.97 10.29
CA ASP A 142 -3.03 4.31 11.29
C ASP A 142 -2.11 3.13 11.56
N PHE A 143 -0.86 3.46 11.83
CA PHE A 143 0.16 2.46 12.16
C PHE A 143 0.88 2.86 13.43
N ALA A 144 1.07 1.89 14.32
CA ALA A 144 1.91 2.09 15.49
C ALA A 144 3.31 1.59 15.17
N SER A 145 4.33 2.37 15.54
CA SER A 145 5.72 1.98 15.31
C SER A 145 6.64 2.74 16.26
N ASN A 146 7.94 2.71 16.00
CA ASN A 146 8.87 3.50 16.81
C ASN A 146 8.50 4.98 16.70
N ILE A 147 8.19 5.41 15.47
CA ILE A 147 7.51 6.67 15.24
C ILE A 147 6.18 6.34 14.54
N ASN A 148 5.06 6.68 15.15
CA ASN A 148 3.76 6.35 14.56
C ASN A 148 3.57 7.06 13.22
N TYR A 149 2.78 6.46 12.33
CA TYR A 149 2.47 7.15 11.07
C TYR A 149 1.06 6.82 10.62
N SER A 150 0.48 7.71 9.82
CA SER A 150 -0.86 7.51 9.27
C SER A 150 -0.83 7.65 7.74
N TYR A 151 -1.37 6.66 7.04
CA TYR A 151 -1.35 6.64 5.59
C TYR A 151 -2.71 7.08 5.09
N GLN A 152 -2.73 8.01 4.14
CA GLN A 152 -3.97 8.57 3.65
C GLN A 152 -3.86 8.78 2.16
N ILE A 153 -4.86 8.33 1.42
CA ILE A 153 -4.92 8.48 -0.02
C ILE A 153 -5.98 9.52 -0.37
N TRP A 154 -5.58 10.53 -1.15
CA TRP A 154 -6.49 11.61 -1.58
C TRP A 154 -6.77 11.48 -3.07
N GLN A 155 -7.97 11.85 -3.51
CA GLN A 155 -8.31 11.92 -4.92
C GLN A 155 -8.77 13.33 -5.29
N LYS A 156 -8.43 13.78 -6.50
CA LYS A 156 -9.01 14.99 -7.06
C LYS A 156 -10.46 14.70 -7.46
N GLY A 157 -11.37 15.65 -7.20
CA GLY A 157 -12.77 15.44 -7.55
C GLY A 157 -13.73 16.41 -6.88
N MET B 1 -14.59 -0.57 16.67
CA MET B 1 -13.46 -1.22 16.05
C MET B 1 -13.71 -1.33 14.56
N LYS B 2 -12.73 -0.96 13.75
CA LYS B 2 -12.86 -1.05 12.31
C LYS B 2 -12.37 -2.41 11.83
N LEU B 3 -13.04 -2.95 10.84
CA LEU B 3 -12.58 -4.16 10.18
C LEU B 3 -12.19 -3.83 8.76
N SER B 4 -11.00 -4.26 8.35
CA SER B 4 -10.62 -4.25 6.95
C SER B 4 -10.52 -5.69 6.48
N LEU B 5 -10.38 -5.85 5.17
CA LEU B 5 -10.22 -7.16 4.57
C LEU B 5 -9.20 -7.00 3.47
N MET B 6 -8.21 -7.88 3.44
CA MET B 6 -7.22 -7.84 2.36
C MET B 6 -7.08 -9.21 1.71
N VAL B 7 -7.11 -9.20 0.38
CA VAL B 7 -7.13 -10.41 -0.42
C VAL B 7 -6.53 -10.19 -1.80
N ALA B 8 -5.97 -11.26 -2.37
CA ALA B 8 -5.57 -11.28 -3.78
C ALA B 8 -6.45 -12.29 -4.53
N ILE B 9 -7.28 -11.79 -5.46
CA ILE B 9 -8.19 -12.65 -6.21
C ILE B 9 -7.75 -12.77 -7.66
N SER B 10 -7.75 -13.99 -8.19
CA SER B 10 -7.48 -14.19 -9.60
C SER B 10 -8.73 -13.86 -10.45
N LYS B 11 -8.62 -13.93 -11.77
CA LYS B 11 -9.70 -13.43 -12.62
C LYS B 11 -10.95 -14.33 -12.62
N ASN B 12 -10.83 -15.58 -12.17
CA ASN B 12 -12.02 -16.44 -12.05
C ASN B 12 -12.46 -16.60 -10.59
N GLY B 13 -12.00 -15.71 -9.72
CA GLY B 13 -12.47 -15.72 -8.33
C GLY B 13 -11.70 -16.65 -7.40
N VAL B 14 -10.84 -17.48 -7.97
CA VAL B 14 -10.04 -18.41 -7.18
C VAL B 14 -8.99 -17.68 -6.32
N ILE B 15 -8.95 -17.99 -5.03
CA ILE B 15 -7.93 -17.45 -4.14
C ILE B 15 -7.05 -18.54 -3.55
N GLY B 16 -7.43 -19.80 -3.72
CA GLY B 16 -6.68 -20.87 -3.12
C GLY B 16 -6.87 -22.21 -3.80
N ASN B 17 -5.85 -23.05 -3.71
CA ASN B 17 -5.93 -24.41 -4.22
C ASN B 17 -5.36 -25.32 -3.16
N GLY B 18 -6.21 -26.06 -2.46
CA GLY B 18 -5.76 -26.75 -1.27
C GLY B 18 -5.24 -25.69 -0.33
N PRO B 19 -4.04 -25.90 0.24
CA PRO B 19 -3.45 -24.92 1.14
C PRO B 19 -2.74 -23.77 0.42
N ASP B 20 -2.58 -23.86 -0.90
CA ASP B 20 -1.71 -22.94 -1.64
C ASP B 20 -2.44 -21.87 -2.44
N ILE B 21 -1.85 -20.68 -2.48
CA ILE B 21 -2.27 -19.67 -3.43
C ILE B 21 -1.64 -20.04 -4.79
N PRO B 22 -2.48 -20.36 -5.80
CA PRO B 22 -1.90 -20.95 -7.01
C PRO B 22 -1.28 -19.97 -8.00
N TRP B 23 -0.54 -18.98 -7.50
CA TRP B 23 0.24 -18.08 -8.36
C TRP B 23 1.35 -17.45 -7.54
N SER B 24 2.30 -16.83 -8.24
CA SER B 24 3.21 -15.89 -7.60
C SER B 24 3.33 -14.67 -8.50
N ALA B 25 2.79 -13.55 -8.03
CA ALA B 25 2.85 -12.30 -8.77
C ALA B 25 3.87 -11.39 -8.09
N LYS B 26 5.06 -11.30 -8.69
CA LYS B 26 6.17 -10.60 -8.09
C LYS B 26 5.79 -9.16 -7.78
N GLY B 27 6.05 -8.72 -6.57
CA GLY B 27 5.70 -7.37 -6.16
C GLY B 27 4.41 -7.27 -5.37
N GLU B 28 3.47 -8.17 -5.60
CA GLU B 28 2.13 -8.02 -5.00
C GLU B 28 2.20 -8.15 -3.49
N GLN B 29 3.04 -9.06 -3.02
CA GLN B 29 3.20 -9.29 -1.59
C GLN B 29 3.51 -7.99 -0.84
N LEU B 30 4.31 -7.12 -1.45
CA LEU B 30 4.69 -5.86 -0.81
C LEU B 30 3.48 -5.10 -0.30
N LEU B 31 2.38 -5.09 -1.08
CA LEU B 31 1.13 -4.48 -0.64
C LEU B 31 0.66 -5.10 0.67
N PHE B 32 0.57 -6.41 0.68
CA PHE B 32 0.18 -7.14 1.89
C PHE B 32 1.07 -6.80 3.08
N LYS B 33 2.39 -6.85 2.86
CA LYS B 33 3.34 -6.50 3.90
C LYS B 33 3.16 -5.06 4.39
N ALA B 34 3.07 -4.11 3.46
CA ALA B 34 2.92 -2.72 3.84
C ALA B 34 1.63 -2.44 4.64
N ILE B 35 0.50 -2.94 4.16
CA ILE B 35 -0.78 -2.66 4.78
C ILE B 35 -0.95 -3.37 6.13
N THR B 36 -0.35 -4.54 6.30
CA THR B 36 -0.53 -5.26 7.55
C THR B 36 0.53 -4.98 8.60
N TYR B 37 1.46 -4.08 8.32
CA TYR B 37 2.59 -3.86 9.26
C TYR B 37 2.14 -3.42 10.65
N ASN B 38 2.51 -4.20 11.65
CA ASN B 38 2.11 -3.96 13.06
C ASN B 38 0.61 -3.86 13.26
N GLN B 39 -0.13 -4.65 12.49
CA GLN B 39 -1.58 -4.73 12.58
C GLN B 39 -2.02 -6.07 13.17
N TRP B 40 -3.25 -6.11 13.67
CA TRP B 40 -3.93 -7.37 13.97
C TRP B 40 -4.57 -8.00 12.74
N LEU B 41 -4.21 -9.25 12.45
CA LEU B 41 -4.85 -10.01 11.39
C LEU B 41 -5.78 -11.04 11.98
N LEU B 42 -6.99 -11.11 11.44
CA LEU B 42 -7.90 -12.21 11.76
C LEU B 42 -7.85 -13.23 10.64
N VAL B 43 -7.44 -14.45 10.98
CA VAL B 43 -7.27 -15.54 10.03
C VAL B 43 -7.86 -16.85 10.54
N GLY B 44 -8.20 -17.74 9.61
CA GLY B 44 -8.63 -19.08 9.95
C GLY B 44 -7.42 -19.95 10.11
N ARG B 45 -7.61 -21.08 10.77
CA ARG B 45 -6.52 -21.97 11.13
C ARG B 45 -5.72 -22.43 9.92
N LYS B 46 -6.41 -22.76 8.85
CA LYS B 46 -5.74 -23.33 7.68
C LYS B 46 -4.78 -22.33 7.05
N THR B 47 -5.26 -21.11 6.87
CA THR B 47 -4.39 -20.07 6.36
C THR B 47 -3.21 -19.82 7.30
N PHE B 48 -3.49 -19.76 8.61
CA PHE B 48 -2.44 -19.47 9.57
C PHE B 48 -1.31 -20.51 9.48
N GLU B 49 -1.67 -21.79 9.33
CA GLU B 49 -0.63 -22.81 9.28
C GLU B 49 0.16 -22.70 8.00
N SER B 50 -0.56 -22.41 6.92
CA SER B 50 0.04 -22.35 5.60
C SER B 50 1.06 -21.22 5.48
N MET B 51 0.80 -20.10 6.15
CA MET B 51 1.68 -18.94 6.11
C MET B 51 2.66 -18.92 7.26
N GLY B 52 2.21 -19.34 8.44
CA GLY B 52 2.99 -19.20 9.67
C GLY B 52 3.01 -17.77 10.19
N ALA B 53 3.51 -17.58 11.41
CA ALA B 53 3.52 -16.24 11.99
C ALA B 53 4.72 -15.42 11.51
N LEU B 54 4.57 -14.77 10.35
CA LEU B 54 5.61 -13.87 9.84
C LEU B 54 5.73 -12.70 10.82
N PRO B 55 6.92 -12.07 10.90
CA PRO B 55 7.20 -11.11 11.97
C PRO B 55 6.49 -9.75 11.82
N ASN B 56 6.36 -9.01 12.91
CA ASN B 56 5.77 -7.66 12.93
C ASN B 56 4.28 -7.59 12.60
N ARG B 57 3.59 -8.73 12.63
CA ARG B 57 2.14 -8.74 12.55
C ARG B 57 1.66 -9.40 13.84
N LYS B 58 0.41 -9.18 14.20
CA LYS B 58 -0.21 -9.87 15.32
C LYS B 58 -1.37 -10.70 14.76
N TYR B 59 -1.56 -11.92 15.24
CA TYR B 59 -2.53 -12.84 14.64
C TYR B 59 -3.63 -13.26 15.60
N ALA B 60 -4.87 -13.19 15.13
CA ALA B 60 -6.01 -13.76 15.83
C ALA B 60 -6.52 -14.92 14.99
N VAL B 61 -6.33 -16.12 15.50
CA VAL B 61 -6.63 -17.34 14.75
C VAL B 61 -7.90 -18.03 15.25
N VAL B 62 -8.82 -18.37 14.35
CA VAL B 62 -9.99 -19.13 14.79
C VAL B 62 -9.86 -20.60 14.43
N THR B 63 -10.33 -21.44 15.36
CA THR B 63 -10.26 -22.89 15.21
C THR B 63 -11.37 -23.52 16.03
N ARG B 64 -11.87 -24.68 15.59
CA ARG B 64 -12.81 -25.44 16.40
C ARG B 64 -12.08 -26.56 17.13
N SER B 65 -10.77 -26.67 16.88
N SER B 65 -10.78 -26.66 16.89
CA SER B 65 -9.94 -27.69 17.49
CA SER B 65 -9.96 -27.69 17.51
C SER B 65 -9.13 -27.12 18.65
C SER B 65 -9.14 -27.12 18.66
N SER B 66 -8.21 -27.93 19.17
CA SER B 66 -7.40 -27.52 20.30
C SER B 66 -6.05 -26.96 19.85
N PHE B 67 -5.99 -26.51 18.60
CA PHE B 67 -4.79 -25.88 18.04
C PHE B 67 -4.31 -24.76 18.96
N THR B 68 -3.03 -24.80 19.32
CA THR B 68 -2.46 -23.79 20.23
C THR B 68 -1.21 -23.16 19.63
N SER B 69 -0.65 -22.16 20.30
CA SER B 69 0.59 -21.52 19.85
C SER B 69 1.39 -20.99 21.05
N ASP B 70 2.71 -21.11 20.97
CA ASP B 70 3.61 -20.55 21.98
C ASP B 70 3.82 -19.05 21.76
N ASN B 71 3.73 -18.63 20.50
CA ASN B 71 4.10 -17.29 20.06
C ASN B 71 3.30 -16.21 20.74
N GLU B 72 3.99 -15.19 21.26
CA GLU B 72 3.33 -14.15 22.02
C GLU B 72 2.47 -13.27 21.11
N ASN B 73 2.74 -13.32 19.80
CA ASN B 73 2.00 -12.50 18.85
C ASN B 73 0.78 -13.20 18.24
N VAL B 74 0.45 -14.38 18.76
CA VAL B 74 -0.67 -15.17 18.26
C VAL B 74 -1.68 -15.45 19.37
N LEU B 75 -2.94 -15.13 19.09
CA LEU B 75 -4.02 -15.47 20.00
C LEU B 75 -4.96 -16.43 19.29
N ILE B 76 -5.42 -17.44 20.02
CA ILE B 76 -6.28 -18.47 19.46
C ILE B 76 -7.66 -18.41 20.07
N PHE B 77 -8.67 -18.46 19.21
CA PHE B 77 -10.06 -18.28 19.63
C PHE B 77 -10.94 -19.42 19.11
N PRO B 78 -11.95 -19.82 19.91
CA PRO B 78 -12.85 -20.92 19.53
C PRO B 78 -13.91 -20.50 18.49
N SER B 79 -14.11 -19.19 18.34
CA SER B 79 -15.12 -18.68 17.42
C SER B 79 -14.78 -17.27 16.96
N ILE B 80 -15.42 -16.86 15.86
CA ILE B 80 -15.28 -15.52 15.32
C ILE B 80 -15.85 -14.47 16.27
N LYS B 81 -17.04 -14.74 16.79
CA LYS B 81 -17.66 -13.84 17.75
C LYS B 81 -16.73 -13.59 18.94
N ASP B 82 -16.04 -14.63 19.39
CA ASP B 82 -15.09 -14.51 20.49
C ASP B 82 -13.85 -13.76 20.10
N ALA B 83 -13.32 -14.06 18.92
CA ALA B 83 -12.18 -13.31 18.39
C ALA B 83 -12.49 -11.80 18.36
N LEU B 84 -13.63 -11.43 17.77
CA LEU B 84 -13.95 -10.02 17.62
C LEU B 84 -14.23 -9.35 18.95
N THR B 85 -14.94 -10.05 19.84
CA THR B 85 -15.24 -9.50 21.16
C THR B 85 -13.96 -9.19 21.93
N ASN B 86 -13.02 -10.12 21.92
CA ASN B 86 -11.73 -9.93 22.59
C ASN B 86 -10.83 -8.90 21.89
N LEU B 87 -10.85 -8.86 20.56
CA LEU B 87 -10.01 -7.91 19.85
C LEU B 87 -10.42 -6.48 20.16
N LYS B 88 -11.73 -6.28 20.32
CA LYS B 88 -12.30 -4.95 20.55
C LYS B 88 -11.76 -4.33 21.84
N LYS B 89 -11.21 -5.18 22.70
CA LYS B 89 -10.64 -4.72 23.96
C LYS B 89 -9.23 -4.15 23.81
N ILE B 90 -8.51 -4.54 22.75
CA ILE B 90 -7.10 -4.23 22.68
C ILE B 90 -6.67 -3.48 21.42
N THR B 91 -7.53 -3.40 20.41
CA THR B 91 -7.17 -2.67 19.19
C THR B 91 -8.39 -1.98 18.62
N ASP B 92 -8.15 -0.95 17.82
CA ASP B 92 -9.22 -0.25 17.12
C ASP B 92 -9.35 -0.73 15.68
N HIS B 93 -8.45 -1.59 15.24
CA HIS B 93 -8.43 -2.01 13.84
C HIS B 93 -8.00 -3.47 13.66
N VAL B 94 -8.74 -4.20 12.84
CA VAL B 94 -8.43 -5.59 12.53
C VAL B 94 -8.50 -5.83 11.03
N ILE B 95 -7.53 -6.56 10.48
CA ILE B 95 -7.55 -6.84 9.06
C ILE B 95 -7.86 -8.31 8.85
N VAL B 96 -9.04 -8.59 8.31
CA VAL B 96 -9.40 -9.96 7.94
C VAL B 96 -8.53 -10.40 6.76
N SER B 97 -7.72 -11.45 6.95
CA SER B 97 -6.72 -11.87 5.97
C SER B 97 -6.85 -13.29 5.47
N GLY B 98 -8.05 -13.88 5.60
CA GLY B 98 -8.28 -15.18 4.99
C GLY B 98 -8.45 -16.33 5.97
N GLY B 99 -8.77 -17.52 5.47
CA GLY B 99 -8.94 -17.76 4.04
C GLY B 99 -10.38 -17.70 3.55
N GLY B 100 -10.75 -18.61 2.65
CA GLY B 100 -12.09 -18.60 2.07
C GLY B 100 -13.24 -18.55 3.08
N GLU B 101 -13.22 -19.46 4.05
CA GLU B 101 -14.29 -19.52 5.04
C GLU B 101 -14.39 -18.24 5.86
N ILE B 102 -13.24 -17.74 6.34
CA ILE B 102 -13.19 -16.47 7.08
C ILE B 102 -13.72 -15.29 6.28
N TYR B 103 -13.32 -15.24 5.01
CA TYR B 103 -13.76 -14.15 4.15
C TYR B 103 -15.29 -14.18 4.02
N LYS B 104 -15.82 -15.36 3.74
CA LYS B 104 -17.26 -15.49 3.55
C LYS B 104 -18.02 -15.10 4.81
N SER B 105 -17.48 -15.48 5.97
CA SER B 105 -18.15 -15.18 7.23
C SER B 105 -18.17 -13.69 7.54
N LEU B 106 -17.13 -12.99 7.11
CA LEU B 106 -16.94 -11.63 7.63
C LEU B 106 -17.17 -10.50 6.67
N ILE B 107 -17.25 -10.79 5.37
CA ILE B 107 -17.27 -9.70 4.41
C ILE B 107 -18.42 -8.68 4.64
N ASP B 108 -19.55 -9.17 5.15
N ASP B 108 -19.56 -9.15 5.14
CA ASP B 108 -20.70 -8.30 5.44
CA ASP B 108 -20.67 -8.24 5.37
C ASP B 108 -20.51 -7.41 6.66
C ASP B 108 -20.51 -7.40 6.64
N GLN B 109 -19.40 -7.56 7.34
CA GLN B 109 -19.16 -6.81 8.57
C GLN B 109 -17.97 -5.88 8.44
N VAL B 110 -17.26 -5.98 7.31
CA VAL B 110 -16.05 -5.19 7.15
C VAL B 110 -16.36 -3.82 6.52
N ASP B 111 -15.49 -2.85 6.81
CA ASP B 111 -15.65 -1.47 6.36
C ASP B 111 -14.82 -1.17 5.11
N THR B 112 -13.69 -1.84 4.97
CA THR B 112 -12.76 -1.53 3.90
C THR B 112 -12.20 -2.79 3.25
N LEU B 113 -12.25 -2.84 1.91
CA LEU B 113 -11.65 -3.94 1.16
C LEU B 113 -10.38 -3.48 0.44
N HIS B 114 -9.33 -4.28 0.58
CA HIS B 114 -8.10 -4.18 -0.21
C HIS B 114 -8.06 -5.35 -1.14
N ILE B 115 -8.34 -5.12 -2.42
CA ILE B 115 -8.37 -6.24 -3.34
C ILE B 115 -7.30 -6.10 -4.44
N SER B 116 -6.41 -7.08 -4.51
CA SER B 116 -5.48 -7.16 -5.65
C SER B 116 -6.02 -8.17 -6.66
N THR B 117 -6.37 -7.71 -7.85
CA THR B 117 -6.84 -8.63 -8.88
C THR B 117 -5.66 -9.12 -9.68
N ILE B 118 -5.48 -10.43 -9.68
CA ILE B 118 -4.31 -11.09 -10.27
C ILE B 118 -4.63 -11.61 -11.66
N ASP B 119 -3.83 -11.23 -12.66
CA ASP B 119 -4.16 -11.51 -14.07
C ASP B 119 -3.84 -12.94 -14.49
N ILE B 120 -4.62 -13.89 -13.99
N ILE B 120 -4.59 -13.89 -13.96
CA ILE B 120 -4.40 -15.31 -14.18
CA ILE B 120 -4.51 -15.27 -14.40
C ILE B 120 -5.71 -16.06 -13.93
C ILE B 120 -5.86 -15.93 -14.26
N GLU B 121 -5.92 -17.20 -14.59
CA GLU B 121 -7.11 -18.02 -14.37
C GLU B 121 -6.71 -19.42 -13.95
N PRO B 122 -6.36 -19.59 -12.66
CA PRO B 122 -5.77 -20.85 -12.24
C PRO B 122 -6.83 -21.83 -11.79
N GLU B 123 -6.43 -23.08 -11.61
CA GLU B 123 -7.28 -24.09 -11.00
C GLU B 123 -7.24 -23.91 -9.50
N GLY B 124 -8.40 -24.00 -8.87
CA GLY B 124 -8.44 -24.06 -7.41
C GLY B 124 -9.82 -24.38 -6.91
N ASP B 125 -9.92 -24.61 -5.61
CA ASP B 125 -11.19 -24.97 -5.00
C ASP B 125 -11.60 -23.97 -3.93
N VAL B 126 -10.80 -22.93 -3.74
CA VAL B 126 -11.17 -21.87 -2.80
C VAL B 126 -11.45 -20.56 -3.53
N TYR B 127 -12.66 -20.05 -3.35
CA TYR B 127 -13.15 -18.88 -4.06
C TYR B 127 -13.41 -17.73 -3.09
N PHE B 128 -13.25 -16.50 -3.57
CA PHE B 128 -13.61 -15.35 -2.76
C PHE B 128 -15.13 -15.17 -2.84
N PRO B 129 -15.77 -14.74 -1.74
CA PRO B 129 -17.23 -14.53 -1.76
C PRO B 129 -17.64 -13.37 -2.65
N GLU B 130 -18.92 -13.32 -3.03
CA GLU B 130 -19.43 -12.16 -3.74
C GLU B 130 -19.32 -10.94 -2.86
N ILE B 131 -19.13 -9.78 -3.47
CA ILE B 131 -18.97 -8.54 -2.73
C ILE B 131 -20.32 -7.84 -2.53
N PRO B 132 -20.65 -7.49 -1.27
CA PRO B 132 -21.93 -6.80 -1.04
C PRO B 132 -22.06 -5.50 -1.86
N SER B 133 -23.30 -5.15 -2.22
CA SER B 133 -23.57 -4.13 -3.22
C SER B 133 -23.24 -2.71 -2.76
N ASN B 134 -23.13 -2.52 -1.46
CA ASN B 134 -22.89 -1.18 -0.93
C ASN B 134 -21.40 -0.80 -0.87
N PHE B 135 -20.53 -1.67 -1.39
CA PHE B 135 -19.11 -1.33 -1.50
C PHE B 135 -18.81 -0.65 -2.83
N ARG B 136 -17.94 0.36 -2.79
N ARG B 136 -17.95 0.37 -2.80
CA ARG B 136 -17.55 1.09 -3.99
CA ARG B 136 -17.55 1.05 -4.03
C ARG B 136 -16.02 1.33 -4.05
C ARG B 136 -16.04 1.30 -4.06
N PRO B 137 -15.43 1.17 -5.25
CA PRO B 137 -13.98 1.41 -5.38
C PRO B 137 -13.63 2.89 -5.25
N VAL B 138 -12.55 3.19 -4.54
CA VAL B 138 -12.17 4.59 -4.33
C VAL B 138 -10.75 4.86 -4.78
N PHE B 139 -10.02 3.79 -5.10
CA PHE B 139 -8.63 3.90 -5.55
C PHE B 139 -8.23 2.65 -6.31
N THR B 140 -7.53 2.86 -7.43
CA THR B 140 -7.06 1.77 -8.29
C THR B 140 -5.65 2.03 -8.79
N GLN B 141 -4.78 1.03 -8.77
CA GLN B 141 -3.49 1.22 -9.40
C GLN B 141 -2.99 -0.09 -10.02
N ASP B 142 -2.65 -0.03 -11.31
CA ASP B 142 -2.14 -1.18 -12.05
C ASP B 142 -0.65 -1.39 -11.86
N PHE B 143 -0.26 -2.66 -11.85
CA PHE B 143 1.15 -3.04 -11.79
C PHE B 143 1.43 -4.06 -12.89
N ALA B 144 2.51 -3.86 -13.64
CA ALA B 144 2.99 -4.88 -14.56
C ALA B 144 4.06 -5.71 -13.86
N SER B 145 3.98 -7.03 -14.05
CA SER B 145 4.95 -7.93 -13.44
C SER B 145 4.98 -9.24 -14.23
N ASN B 146 5.54 -10.30 -13.65
CA ASN B 146 5.57 -11.60 -14.31
C ASN B 146 4.15 -12.07 -14.55
N ILE B 147 3.31 -11.80 -13.56
CA ILE B 147 1.86 -11.82 -13.68
C ILE B 147 1.39 -10.44 -13.25
N ASN B 148 0.60 -9.79 -14.09
CA ASN B 148 0.09 -8.45 -13.81
C ASN B 148 -0.92 -8.47 -12.68
N TYR B 149 -0.96 -7.40 -11.90
CA TYR B 149 -2.00 -7.27 -10.90
C TYR B 149 -2.47 -5.84 -10.79
N SER B 150 -3.66 -5.69 -10.24
CA SER B 150 -4.25 -4.39 -10.08
C SER B 150 -4.76 -4.28 -8.65
N TYR B 151 -4.37 -3.20 -7.98
CA TYR B 151 -4.70 -3.03 -6.59
C TYR B 151 -5.84 -2.05 -6.47
N GLN B 152 -6.88 -2.42 -5.73
CA GLN B 152 -8.05 -1.57 -5.62
C GLN B 152 -8.59 -1.51 -4.19
N ILE B 153 -8.91 -0.33 -3.72
CA ILE B 153 -9.45 -0.20 -2.37
C ILE B 153 -10.93 0.14 -2.45
N TRP B 154 -11.75 -0.58 -1.68
CA TRP B 154 -13.18 -0.35 -1.63
C TRP B 154 -13.63 0.15 -0.27
N GLN B 155 -14.61 1.05 -0.27
CA GLN B 155 -15.20 1.56 0.97
C GLN B 155 -16.71 1.24 1.04
N LYS B 156 -17.20 0.94 2.24
CA LYS B 156 -18.61 0.66 2.46
C LYS B 156 -19.38 1.98 2.59
N GLY B 157 -20.43 2.13 1.79
CA GLY B 157 -21.24 3.33 1.82
C GLY B 157 -21.42 3.96 0.44
#